data_8C7I
#
_entry.id   8C7I
#
_cell.length_a   145.650
_cell.length_b   145.650
_cell.length_c   91.810
_cell.angle_alpha   90.000
_cell.angle_beta   90.000
_cell.angle_gamma   120.000
#
_symmetry.space_group_name_H-M   'P 61 2 2'
#
loop_
_entity.id
_entity.type
_entity.pdbx_description
1 polymer 'Green fluorescent protein,Tll0404 protein'
2 water water
#
_entity_poly.entity_id   1
_entity_poly.type   'polypeptide(L)'
_entity_poly.pdbx_seq_one_letter_code
;MASWSHPQFEKASMSKGEELFTGVVPILVELDGDVNGHKFSVRGEGEGDATNGKLTLKFICTTGKLPVPWPTLVTTL
(CRO)VQCFSRYPDHMKRHDFFKSAMPEGYVQERTISFKDDGTYKTRAEVKFEGDTLVNRIELKGIDFKEDGNILGHKLE
YNFNSHNVYITADKQKNGIKANFKIRHNVEDGSVQLADHYQQNTPIGDGPVLLPDNHYLSTQSVLSKDPNEKRDHMVLLE
FVTAAGITHGMDELYKYRIRSGGGGENLYFQGATSAIDIPFPGTATGVIDEGNVLSAVTQGSVGRSLQDLSEATGINVHV
VTLHRLDYGETPQSFVDDLFSQWFPDPESQANQVIIALDTVTNGTAIHYGDAVAERLNPETAESIVQETMRVPLREGNYN
QAVLDTVDRLGKVLKGEPDPGPPVVREVVVEKTYKSKEETDDRS
;
_entity_poly.pdbx_strand_id   A
#
# COMPACT_ATOMS: atom_id res chain seq x y z
N PRO A 7 1.48 -10.76 27.96
CA PRO A 7 2.15 -10.02 26.89
C PRO A 7 1.51 -8.68 26.58
N GLN A 8 2.33 -7.64 26.41
CA GLN A 8 1.84 -6.29 26.19
C GLN A 8 2.54 -5.69 24.98
N PHE A 9 1.76 -4.99 24.14
CA PHE A 9 2.27 -4.41 22.91
C PHE A 9 2.00 -2.91 22.86
N GLU A 10 2.27 -2.29 21.72
CA GLU A 10 2.15 -0.84 21.59
C GLU A 10 0.68 -0.44 21.64
N LYS A 11 0.23 0.03 22.80
CA LYS A 11 -1.15 0.46 22.98
C LYS A 11 -1.42 1.85 22.42
N ALA A 12 -0.37 2.61 22.06
CA ALA A 12 -0.54 3.99 21.68
C ALA A 12 -1.13 4.12 20.28
N SER A 13 -1.70 5.29 20.02
CA SER A 13 -2.33 5.57 18.73
C SER A 13 -1.25 5.86 17.70
N MET A 14 -1.40 5.26 16.51
CA MET A 14 -0.41 5.41 15.45
C MET A 14 -0.84 6.41 14.38
N SER A 15 -2.11 6.82 14.35
CA SER A 15 -2.52 7.91 13.48
C SER A 15 -3.70 8.62 14.14
N LYS A 16 -3.98 9.85 13.67
CA LYS A 16 -5.14 10.57 14.16
C LYS A 16 -6.43 9.87 13.74
N GLY A 17 -6.51 9.45 12.47
CA GLY A 17 -7.70 8.76 12.01
C GLY A 17 -8.06 7.54 12.85
N GLU A 18 -7.05 6.87 13.42
CA GLU A 18 -7.32 5.66 14.20
C GLU A 18 -8.31 5.94 15.33
N GLU A 19 -8.26 7.11 15.93
CA GLU A 19 -9.07 7.45 17.09
C GLU A 19 -10.54 7.70 16.77
N LEU A 20 -10.88 7.87 15.50
CA LEU A 20 -12.28 8.04 15.12
C LEU A 20 -13.08 6.75 15.25
N PHE A 21 -12.41 5.60 15.24
CA PHE A 21 -13.04 4.28 15.28
C PHE A 21 -13.03 3.68 16.67
N THR A 22 -12.82 4.51 17.70
CA THR A 22 -12.62 4.02 19.06
C THR A 22 -13.82 3.25 19.60
N GLY A 23 -15.00 3.47 19.05
CA GLY A 23 -16.20 2.79 19.52
C GLY A 23 -16.98 2.21 18.36
N VAL A 24 -18.31 2.34 18.47
CA VAL A 24 -19.24 1.92 17.42
C VAL A 24 -19.49 3.10 16.50
N VAL A 25 -19.22 2.92 15.22
CA VAL A 25 -19.42 3.96 14.21
C VAL A 25 -20.61 3.56 13.35
N PRO A 26 -21.59 4.44 13.15
CA PRO A 26 -22.69 4.13 12.22
C PRO A 26 -22.17 4.09 10.80
N ILE A 27 -22.86 3.33 9.96
CA ILE A 27 -22.37 3.04 8.62
C ILE A 27 -23.50 3.22 7.63
N LEU A 28 -23.16 3.74 6.45
CA LEU A 28 -24.09 3.90 5.35
C LEU A 28 -23.41 3.49 4.04
N VAL A 29 -24.12 2.69 3.24
CA VAL A 29 -23.59 2.23 1.95
C VAL A 29 -24.59 2.56 0.85
N GLU A 30 -24.08 3.06 -0.27
CA GLU A 30 -24.90 3.41 -1.42
C GLU A 30 -24.21 2.94 -2.69
N LEU A 31 -24.95 2.22 -3.54
CA LEU A 31 -24.38 1.62 -4.75
C LEU A 31 -25.33 1.81 -5.93
N ASP A 32 -24.78 2.27 -7.05
CA ASP A 32 -25.49 2.37 -8.32
C ASP A 32 -24.82 1.42 -9.31
N GLY A 33 -25.51 0.35 -9.69
CA GLY A 33 -24.91 -0.71 -10.50
C GLY A 33 -25.56 -0.83 -11.86
N ASP A 34 -24.78 -1.35 -12.81
CA ASP A 34 -25.29 -1.70 -14.13
C ASP A 34 -24.45 -2.86 -14.66
N VAL A 35 -25.10 -3.99 -14.91
CA VAL A 35 -24.44 -5.18 -15.41
C VAL A 35 -25.20 -5.64 -16.65
N ASN A 36 -24.47 -5.81 -17.76
CA ASN A 36 -25.05 -6.09 -19.07
C ASN A 36 -26.26 -5.23 -19.37
N GLY A 37 -26.37 -4.07 -18.72
CA GLY A 37 -27.47 -3.16 -18.95
C GLY A 37 -28.63 -3.28 -17.98
N HIS A 38 -28.66 -4.34 -17.17
CA HIS A 38 -29.65 -4.47 -16.11
C HIS A 38 -29.23 -3.56 -14.96
N LYS A 39 -30.02 -2.53 -14.71
CA LYS A 39 -29.63 -1.46 -13.80
C LYS A 39 -30.35 -1.61 -12.47
N PHE A 40 -29.66 -1.20 -11.40
CA PHE A 40 -30.16 -1.42 -10.06
C PHE A 40 -29.45 -0.51 -9.08
N SER A 41 -29.98 -0.47 -7.86
CA SER A 41 -29.41 0.32 -6.78
C SER A 41 -29.60 -0.46 -5.48
N VAL A 42 -28.66 -0.29 -4.57
CA VAL A 42 -28.70 -0.90 -3.25
C VAL A 42 -28.36 0.17 -2.21
N ARG A 43 -29.07 0.13 -1.09
CA ARG A 43 -28.79 1.00 0.05
C ARG A 43 -28.67 0.13 1.29
N GLY A 44 -27.70 0.46 2.13
CA GLY A 44 -27.46 -0.30 3.34
C GLY A 44 -27.12 0.59 4.51
N GLU A 45 -27.49 0.11 5.70
CA GLU A 45 -27.20 0.82 6.94
C GLU A 45 -26.87 -0.18 8.03
N GLY A 46 -26.04 0.27 8.97
CA GLY A 46 -25.70 -0.55 10.13
C GLY A 46 -24.63 0.13 10.96
N GLU A 47 -23.83 -0.69 11.63
CA GLU A 47 -22.81 -0.20 12.54
C GLU A 47 -21.50 -0.98 12.34
N GLY A 48 -20.43 -0.43 12.90
CA GLY A 48 -19.14 -1.11 12.91
C GLY A 48 -18.36 -0.81 14.17
N ASP A 49 -17.67 -1.83 14.68
CA ASP A 49 -16.91 -1.79 15.94
C ASP A 49 -15.49 -2.26 15.63
N ALA A 50 -14.64 -1.31 15.25
CA ALA A 50 -13.33 -1.67 14.69
C ALA A 50 -12.40 -2.23 15.75
N THR A 51 -12.57 -1.83 17.01
CA THR A 51 -11.74 -2.40 18.07
C THR A 51 -11.85 -3.92 18.10
N ASN A 52 -13.04 -4.45 17.85
CA ASN A 52 -13.30 -5.88 17.88
C ASN A 52 -13.40 -6.49 16.48
N GLY A 53 -13.24 -5.68 15.44
CA GLY A 53 -13.35 -6.17 14.08
C GLY A 53 -14.71 -6.67 13.69
N LYS A 54 -15.77 -6.16 14.32
CA LYS A 54 -17.16 -6.57 14.07
C LYS A 54 -17.86 -5.60 13.14
N LEU A 55 -18.77 -6.12 12.34
CA LEU A 55 -19.48 -5.32 11.35
C LEU A 55 -20.87 -5.89 11.13
N THR A 56 -21.86 -5.00 11.06
CA THR A 56 -23.26 -5.40 11.01
C THR A 56 -24.02 -4.48 10.06
N LEU A 57 -24.59 -5.05 9.01
CA LEU A 57 -25.25 -4.26 7.98
C LEU A 57 -26.48 -4.98 7.45
N LYS A 58 -27.44 -4.19 7.00
CA LYS A 58 -28.64 -4.68 6.33
C LYS A 58 -28.76 -3.93 5.01
N PHE A 59 -28.69 -4.66 3.90
CA PHE A 59 -28.75 -4.09 2.58
C PHE A 59 -30.12 -4.38 1.96
N ILE A 60 -30.60 -3.45 1.15
CA ILE A 60 -31.87 -3.64 0.43
C ILE A 60 -31.68 -3.13 -1.00
N CYS A 61 -32.33 -3.80 -1.94
CA CYS A 61 -32.32 -3.37 -3.33
C CYS A 61 -33.45 -2.37 -3.54
N THR A 62 -33.10 -1.12 -3.84
CA THR A 62 -34.07 -0.04 -3.95
C THR A 62 -34.80 -0.01 -5.28
N THR A 63 -34.55 -0.96 -6.18
CA THR A 63 -35.13 -0.90 -7.51
C THR A 63 -35.91 -2.16 -7.87
N GLY A 64 -36.18 -3.04 -6.90
CA GLY A 64 -36.92 -4.25 -7.17
C GLY A 64 -36.21 -5.48 -6.66
N LYS A 65 -35.87 -6.40 -7.56
CA LYS A 65 -35.09 -7.58 -7.25
C LYS A 65 -33.71 -7.44 -7.86
N LEU A 66 -32.70 -7.88 -7.13
CA LEU A 66 -31.33 -7.75 -7.61
C LEU A 66 -31.16 -8.55 -8.89
N PRO A 67 -30.64 -7.94 -9.96
CA PRO A 67 -30.40 -8.72 -11.20
C PRO A 67 -29.24 -9.69 -11.09
N VAL A 68 -28.42 -9.60 -10.04
CA VAL A 68 -27.30 -10.51 -9.84
C VAL A 68 -27.44 -11.15 -8.47
N PRO A 69 -26.69 -12.20 -8.16
CA PRO A 69 -26.79 -12.80 -6.82
C PRO A 69 -26.15 -11.93 -5.76
N TRP A 70 -26.81 -11.84 -4.62
CA TRP A 70 -26.31 -11.05 -3.49
C TRP A 70 -24.86 -11.34 -3.14
N PRO A 71 -24.44 -12.60 -2.97
CA PRO A 71 -23.05 -12.85 -2.55
C PRO A 71 -22.02 -12.24 -3.49
N THR A 72 -22.39 -11.96 -4.74
CA THR A 72 -21.41 -11.42 -5.68
C THR A 72 -21.11 -9.94 -5.42
N LEU A 73 -21.88 -9.28 -4.54
CA LEU A 73 -21.65 -7.87 -4.22
C LEU A 73 -21.07 -7.65 -2.83
N VAL A 74 -20.82 -8.72 -2.07
CA VAL A 74 -20.36 -8.56 -0.69
C VAL A 74 -19.06 -7.77 -0.64
N THR A 75 -18.08 -8.13 -1.46
CA THR A 75 -16.78 -7.49 -1.35
C THR A 75 -16.85 -6.02 -1.76
N THR A 76 -17.78 -5.70 -2.66
CA THR A 76 -17.95 -4.32 -3.10
C THR A 76 -18.64 -3.49 -2.03
N LEU A 77 -19.70 -4.03 -1.42
CA LEU A 77 -20.45 -3.31 -0.39
C LEU A 77 -19.70 -3.20 0.94
N1 CRO A 78 -18.95 -4.35 1.39
CA1 CRO A 78 -18.09 -4.29 2.55
CB1 CRO A 78 -18.58 -5.30 3.63
CG1 CRO A 78 -19.95 -4.89 4.15
OG1 CRO A 78 -18.76 -6.58 3.13
C1 CRO A 78 -16.67 -4.62 2.09
N2 CRO A 78 -16.07 -5.89 2.27
N3 CRO A 78 -15.77 -3.66 1.40
C2 CRO A 78 -14.56 -4.42 1.16
O2 CRO A 78 -13.59 -3.98 0.63
CA2 CRO A 78 -14.75 -5.85 1.72
CA3 CRO A 78 -15.95 -2.24 1.00
C3 CRO A 78 -15.54 -1.10 1.92
O3 CRO A 78 -15.10 0.02 1.47
CB2 CRO A 78 -13.79 -6.82 1.66
CG2 CRO A 78 -14.03 -8.37 1.74
CD1 CRO A 78 -15.21 -8.96 2.18
CD2 CRO A 78 -12.97 -9.19 1.36
CE1 CRO A 78 -15.33 -10.35 2.22
CE2 CRO A 78 -13.07 -10.58 1.41
CZ CRO A 78 -14.25 -11.18 1.84
OH CRO A 78 -14.32 -12.64 1.88
HA1 CRO A 78 -18.11 -3.41 2.96
HB1 CRO A 78 -17.89 -5.29 4.31
HG11 CRO A 78 -20.23 -5.53 4.83
HG12 CRO A 78 -20.59 -4.90 3.42
HG13 CRO A 78 -19.91 -4.00 4.54
HOG1 CRO A 78 -18.06 -6.83 2.73
HA31 CRO A 78 -16.89 -2.12 0.83
HA32 CRO A 78 -15.46 -2.12 0.18
HB2 CRO A 78 -12.92 -6.53 1.56
HD1 CRO A 78 -15.91 -8.43 2.45
HD2 CRO A 78 -12.17 -8.80 1.08
HE1 CRO A 78 -16.13 -10.75 2.50
HE2 CRO A 78 -12.36 -11.11 1.14
HOH CRO A 78 -14.06 -12.94 1.14
N VAL A 79 -15.82 -1.35 3.32
CA VAL A 79 -15.28 -0.65 4.47
C VAL A 79 -14.21 -1.35 5.31
N GLN A 80 -13.04 -1.57 4.70
CA GLN A 80 -11.96 -2.27 5.37
C GLN A 80 -11.35 -1.46 6.50
N CYS A 81 -11.76 -0.21 6.68
CA CYS A 81 -11.34 0.56 7.85
C CYS A 81 -11.86 -0.04 9.16
N PHE A 82 -12.85 -0.91 9.11
CA PHE A 82 -13.35 -1.53 10.34
C PHE A 82 -12.59 -2.81 10.72
N SER A 83 -11.46 -3.08 10.09
CA SER A 83 -10.69 -4.28 10.43
C SER A 83 -10.05 -4.12 11.82
N ARG A 84 -9.92 -5.23 12.52
CA ARG A 84 -9.21 -5.25 13.79
C ARG A 84 -7.73 -5.44 13.51
N TYR A 85 -6.94 -4.38 13.69
CA TYR A 85 -5.49 -4.49 13.64
C TYR A 85 -5.00 -4.76 15.06
N PRO A 86 -4.45 -5.94 15.35
CA PRO A 86 -3.88 -6.18 16.67
C PRO A 86 -2.77 -5.19 16.99
N ASP A 87 -2.44 -5.10 18.28
CA ASP A 87 -1.55 -4.04 18.73
C ASP A 87 -0.24 -4.05 17.97
N HIS A 88 0.30 -5.23 17.68
CA HIS A 88 1.60 -5.29 17.01
C HIS A 88 1.52 -4.92 15.54
N MET A 89 0.34 -4.78 14.98
CA MET A 89 0.14 -4.43 13.58
C MET A 89 -0.35 -2.99 13.38
N LYS A 90 -0.56 -2.22 14.44
CA LYS A 90 -1.17 -0.89 14.29
C LYS A 90 -0.44 -0.01 13.29
N ARG A 91 0.88 -0.13 13.15
CA ARG A 91 1.58 0.73 12.22
C ARG A 91 1.21 0.48 10.75
N HIS A 92 0.39 -0.53 10.45
CA HIS A 92 0.14 -0.94 9.08
C HIS A 92 -1.29 -0.67 8.64
N ASP A 93 -2.06 0.06 9.44
CA ASP A 93 -3.49 0.29 9.18
C ASP A 93 -3.65 1.54 8.33
N PHE A 94 -3.40 1.38 7.04
CA PHE A 94 -3.65 2.44 6.07
C PHE A 94 -5.06 3.01 6.18
N PHE A 95 -6.05 2.13 6.26
CA PHE A 95 -7.43 2.52 6.00
C PHE A 95 -7.92 3.59 6.98
N LYS A 96 -7.58 3.42 8.26
CA LYS A 96 -8.04 4.40 9.26
C LYS A 96 -7.22 5.68 9.18
N SER A 97 -5.95 5.58 8.74
CA SER A 97 -5.09 6.75 8.71
C SER A 97 -5.48 7.72 7.61
N ALA A 98 -6.24 7.29 6.61
CA ALA A 98 -6.71 8.18 5.57
C ALA A 98 -7.95 8.97 6.00
N MET A 99 -8.56 8.62 7.13
CA MET A 99 -9.75 9.31 7.60
C MET A 99 -9.34 10.60 8.32
N PRO A 100 -10.23 11.60 8.40
CA PRO A 100 -11.65 11.59 7.97
C PRO A 100 -11.83 11.86 6.48
N GLU A 101 -10.82 12.41 5.81
CA GLU A 101 -10.94 12.69 4.38
C GLU A 101 -11.32 11.44 3.59
N GLY A 102 -10.72 10.29 3.90
CA GLY A 102 -11.10 9.03 3.27
C GLY A 102 -10.17 8.60 2.15
N TYR A 103 -10.62 7.57 1.42
CA TYR A 103 -9.84 7.03 0.30
C TYR A 103 -10.76 6.63 -0.84
N VAL A 104 -10.16 6.49 -2.02
CA VAL A 104 -10.82 5.95 -3.21
C VAL A 104 -10.44 4.48 -3.34
N GLN A 105 -11.43 3.59 -3.32
CA GLN A 105 -11.23 2.15 -3.42
C GLN A 105 -11.78 1.71 -4.78
N GLU A 106 -10.88 1.30 -5.69
CA GLU A 106 -11.25 0.85 -7.01
C GLU A 106 -10.91 -0.63 -7.16
N ARG A 107 -11.71 -1.36 -7.92
CA ARG A 107 -11.46 -2.79 -8.07
C ARG A 107 -11.85 -3.28 -9.47
N THR A 108 -11.26 -4.40 -9.85
CA THR A 108 -11.69 -5.21 -10.97
C THR A 108 -11.94 -6.62 -10.45
N ILE A 109 -13.06 -7.21 -10.82
CA ILE A 109 -13.48 -8.52 -10.32
C ILE A 109 -13.78 -9.39 -11.53
N SER A 110 -12.88 -10.33 -11.82
CA SER A 110 -13.00 -11.22 -12.97
C SER A 110 -13.61 -12.53 -12.48
N PHE A 111 -14.84 -12.80 -12.88
CA PHE A 111 -15.48 -14.07 -12.56
C PHE A 111 -14.99 -15.11 -13.57
N LYS A 112 -14.38 -16.17 -13.07
CA LYS A 112 -13.79 -17.16 -13.97
C LYS A 112 -14.83 -17.65 -14.97
N ASP A 113 -14.44 -17.70 -16.24
CA ASP A 113 -15.31 -18.17 -17.32
C ASP A 113 -16.59 -17.34 -17.43
N ASP A 114 -16.52 -16.08 -17.04
CA ASP A 114 -17.72 -15.24 -17.06
C ASP A 114 -17.28 -13.78 -17.16
N GLY A 115 -18.21 -12.87 -16.88
CA GLY A 115 -17.94 -11.46 -17.07
C GLY A 115 -17.03 -10.89 -16.01
N THR A 116 -17.02 -9.58 -15.88
CA THR A 116 -16.16 -8.92 -14.90
C THR A 116 -16.86 -7.67 -14.41
N TYR A 117 -16.71 -7.39 -13.12
CA TYR A 117 -17.19 -6.14 -12.55
C TYR A 117 -16.08 -5.09 -12.59
N LYS A 118 -16.47 -3.83 -12.60
CA LYS A 118 -15.53 -2.71 -12.49
C LYS A 118 -16.13 -1.70 -11.52
N THR A 119 -15.41 -1.39 -10.46
CA THR A 119 -15.98 -0.69 -9.32
C THR A 119 -15.09 0.46 -8.87
N ARG A 120 -15.75 1.54 -8.46
CA ARG A 120 -15.07 2.69 -7.86
C ARG A 120 -15.94 3.22 -6.74
N ALA A 121 -15.38 3.29 -5.52
CA ALA A 121 -16.08 3.81 -4.36
C ALA A 121 -15.27 4.91 -3.70
N GLU A 122 -15.96 5.72 -2.89
CA GLU A 122 -15.33 6.66 -1.96
C GLU A 122 -15.77 6.29 -0.55
N VAL A 123 -14.80 6.14 0.35
CA VAL A 123 -15.08 5.79 1.75
C VAL A 123 -14.54 6.91 2.62
N LYS A 124 -15.42 7.57 3.36
CA LYS A 124 -15.08 8.81 4.05
C LYS A 124 -16.12 9.06 5.14
N PHE A 125 -15.77 9.91 6.08
CA PHE A 125 -16.68 10.32 7.13
C PHE A 125 -17.53 11.51 6.66
N GLU A 126 -18.83 11.41 6.90
CA GLU A 126 -19.76 12.52 6.72
C GLU A 126 -20.42 12.70 8.08
N GLY A 127 -19.95 13.68 8.84
CA GLY A 127 -20.37 13.78 10.22
C GLY A 127 -19.80 12.62 11.01
N ASP A 128 -20.64 11.99 11.82
CA ASP A 128 -20.18 10.90 12.67
C ASP A 128 -20.32 9.53 12.02
N THR A 129 -20.80 9.44 10.79
CA THR A 129 -21.05 8.15 10.14
C THR A 129 -20.06 7.87 9.02
N LEU A 130 -19.59 6.63 8.96
CA LEU A 130 -18.73 6.18 7.86
C LEU A 130 -19.60 5.84 6.65
N VAL A 131 -19.22 6.39 5.49
CA VAL A 131 -20.05 6.34 4.29
C VAL A 131 -19.24 5.69 3.16
N ASN A 132 -19.84 4.70 2.52
CA ASN A 132 -19.27 4.00 1.37
C ASN A 132 -20.20 4.23 0.18
N ARG A 133 -19.71 4.94 -0.84
CA ARG A 133 -20.51 5.31 -2.00
C ARG A 133 -19.88 4.74 -3.24
N ILE A 134 -20.58 3.79 -3.87
CA ILE A 134 -20.01 2.92 -4.90
C ILE A 134 -20.70 3.14 -6.23
N GLU A 135 -19.92 3.09 -7.32
CA GLU A 135 -20.42 2.87 -8.67
C GLU A 135 -19.87 1.55 -9.19
N LEU A 136 -20.75 0.68 -9.69
CA LEU A 136 -20.38 -0.64 -10.18
C LEU A 136 -20.84 -0.80 -11.63
N LYS A 137 -19.95 -1.30 -12.48
CA LYS A 137 -20.30 -1.61 -13.86
C LYS A 137 -19.87 -3.03 -14.18
N GLY A 138 -20.81 -3.83 -14.71
CA GLY A 138 -20.55 -5.22 -15.07
C GLY A 138 -20.66 -5.45 -16.56
N ILE A 139 -19.67 -6.14 -17.13
CA ILE A 139 -19.52 -6.20 -18.59
C ILE A 139 -19.42 -7.66 -19.03
N ASP A 140 -20.17 -7.99 -20.08
CA ASP A 140 -20.06 -9.25 -20.82
C ASP A 140 -20.16 -10.47 -19.90
N PHE A 141 -21.33 -10.61 -19.28
CA PHE A 141 -21.67 -11.78 -18.50
C PHE A 141 -22.53 -12.72 -19.33
N LYS A 142 -22.51 -14.00 -18.95
CA LYS A 142 -23.24 -15.02 -19.69
C LYS A 142 -24.72 -14.97 -19.34
N GLU A 143 -25.57 -14.98 -20.37
CA GLU A 143 -27.01 -14.79 -20.15
C GLU A 143 -27.56 -15.80 -19.16
N ASP A 144 -27.15 -17.07 -19.26
CA ASP A 144 -27.57 -18.11 -18.33
C ASP A 144 -26.37 -18.67 -17.56
N GLY A 145 -25.41 -17.81 -17.23
CA GLY A 145 -24.26 -18.21 -16.47
C GLY A 145 -24.56 -18.32 -14.99
N ASN A 146 -23.50 -18.59 -14.22
CA ASN A 146 -23.66 -18.68 -12.77
C ASN A 146 -24.16 -17.36 -12.17
N ILE A 147 -23.86 -16.23 -12.81
CA ILE A 147 -24.16 -14.93 -12.24
C ILE A 147 -25.58 -14.54 -12.59
N LEU A 148 -25.80 -14.21 -13.87
CA LEU A 148 -27.15 -13.79 -14.29
C LEU A 148 -28.16 -14.91 -14.10
N GLY A 149 -27.72 -16.16 -14.14
CA GLY A 149 -28.62 -17.29 -13.94
C GLY A 149 -28.97 -17.59 -12.51
N HIS A 150 -28.37 -16.88 -11.55
CA HIS A 150 -28.68 -17.05 -10.13
C HIS A 150 -28.54 -18.50 -9.69
N LYS A 151 -27.35 -19.04 -9.92
CA LYS A 151 -27.01 -20.40 -9.52
C LYS A 151 -26.11 -20.46 -8.31
N LEU A 152 -25.85 -19.32 -7.67
CA LEU A 152 -24.95 -19.25 -6.52
C LEU A 152 -25.72 -19.47 -5.22
N GLU A 153 -25.09 -20.17 -4.29
CA GLU A 153 -25.70 -20.40 -2.99
C GLU A 153 -25.65 -19.12 -2.15
N TYR A 154 -26.57 -19.03 -1.19
CA TYR A 154 -26.66 -17.87 -0.30
C TYR A 154 -25.86 -18.16 0.95
N ASN A 155 -24.54 -18.08 0.80
CA ASN A 155 -23.59 -18.31 1.89
C ASN A 155 -22.25 -17.70 1.47
N PHE A 156 -21.28 -17.75 2.36
CA PHE A 156 -20.03 -17.07 2.07
C PHE A 156 -18.90 -17.71 2.87
N ASN A 157 -17.77 -17.95 2.19
CA ASN A 157 -16.57 -18.53 2.78
C ASN A 157 -15.66 -17.44 3.37
N SER A 158 -14.66 -17.88 4.14
CA SER A 158 -13.63 -17.00 4.71
C SER A 158 -12.46 -16.87 3.75
N HIS A 159 -11.80 -15.71 3.78
CA HIS A 159 -10.73 -15.47 2.82
C HIS A 159 -9.61 -14.65 3.45
N ASN A 160 -8.46 -14.67 2.77
CA ASN A 160 -7.34 -13.79 3.09
C ASN A 160 -7.23 -12.71 2.00
N VAL A 161 -7.13 -11.46 2.41
CA VAL A 161 -6.92 -10.32 1.51
C VAL A 161 -5.46 -9.91 1.65
N TYR A 162 -4.67 -10.07 0.60
CA TYR A 162 -3.23 -9.79 0.67
C TYR A 162 -2.98 -8.35 0.23
N ILE A 163 -2.28 -7.61 1.09
CA ILE A 163 -2.11 -6.16 0.94
C ILE A 163 -0.64 -5.84 0.79
N THR A 164 -0.36 -4.82 -0.04
CA THR A 164 0.98 -4.28 -0.21
C THR A 164 0.88 -2.77 -0.42
N ALA A 165 1.97 -2.07 -0.12
CA ALA A 165 2.00 -0.62 -0.25
C ALA A 165 2.24 -0.23 -1.70
N ASP A 166 1.52 0.79 -2.15
CA ASP A 166 1.74 1.43 -3.46
C ASP A 166 2.33 2.81 -3.14
N LYS A 167 3.66 2.85 -3.05
CA LYS A 167 4.32 4.03 -2.54
C LYS A 167 4.21 5.21 -3.49
N GLN A 168 4.21 4.95 -4.80
CA GLN A 168 4.06 6.03 -5.78
C GLN A 168 2.75 6.76 -5.59
N LYS A 169 1.68 6.06 -5.20
CA LYS A 169 0.36 6.66 -5.03
C LYS A 169 0.01 6.96 -3.58
N ASN A 170 0.94 6.76 -2.65
CA ASN A 170 0.69 6.99 -1.23
C ASN A 170 -0.55 6.21 -0.76
N GLY A 171 -0.65 4.96 -1.21
CA GLY A 171 -1.78 4.10 -0.90
C GLY A 171 -1.37 2.64 -0.87
N ILE A 172 -2.31 1.76 -1.23
CA ILE A 172 -2.06 0.33 -1.20
C ILE A 172 -2.65 -0.32 -2.44
N LYS A 173 -2.33 -1.61 -2.60
CA LYS A 173 -2.93 -2.49 -3.58
C LYS A 173 -3.26 -3.78 -2.88
N ALA A 174 -4.26 -4.50 -3.37
CA ALA A 174 -4.55 -5.80 -2.78
C ALA A 174 -5.05 -6.77 -3.84
N ASN A 175 -4.82 -8.07 -3.59
CA ASN A 175 -5.21 -9.18 -4.45
C ASN A 175 -5.78 -10.30 -3.59
N PHE A 176 -6.86 -10.91 -4.06
CA PHE A 176 -7.39 -12.13 -3.44
C PHE A 176 -8.34 -12.84 -4.40
N LYS A 177 -8.66 -14.08 -4.05
CA LYS A 177 -9.58 -14.93 -4.81
C LYS A 177 -10.80 -15.25 -3.95
N ILE A 178 -11.97 -14.83 -4.40
CA ILE A 178 -13.20 -15.17 -3.71
C ILE A 178 -13.77 -16.45 -4.33
N ARG A 179 -14.18 -17.39 -3.47
CA ARG A 179 -14.76 -18.67 -3.90
C ARG A 179 -16.25 -18.69 -3.58
N HIS A 180 -17.09 -18.68 -4.61
CA HIS A 180 -18.54 -18.68 -4.46
C HIS A 180 -19.08 -20.10 -4.64
N ASN A 181 -19.73 -20.63 -3.59
CA ASN A 181 -20.34 -21.96 -3.67
C ASN A 181 -21.47 -21.97 -4.70
N VAL A 182 -21.46 -22.96 -5.59
CA VAL A 182 -22.48 -23.10 -6.62
C VAL A 182 -23.42 -24.22 -6.20
N GLU A 183 -24.70 -24.06 -6.53
CA GLU A 183 -25.72 -24.94 -5.98
C GLU A 183 -25.56 -26.37 -6.47
N ASP A 184 -24.78 -26.60 -7.51
CA ASP A 184 -24.55 -27.94 -8.03
C ASP A 184 -23.30 -28.59 -7.44
N GLY A 185 -22.67 -27.96 -6.46
CA GLY A 185 -21.48 -28.49 -5.82
C GLY A 185 -20.18 -27.89 -6.32
N SER A 186 -20.18 -27.28 -7.50
CA SER A 186 -18.98 -26.65 -8.02
C SER A 186 -18.72 -25.33 -7.30
N VAL A 187 -17.65 -24.64 -7.69
CA VAL A 187 -17.23 -23.39 -7.06
C VAL A 187 -16.88 -22.39 -8.15
N GLN A 188 -17.39 -21.17 -8.01
CA GLN A 188 -17.20 -20.10 -8.99
C GLN A 188 -16.20 -19.09 -8.42
N LEU A 189 -15.12 -18.87 -9.16
CA LEU A 189 -14.00 -18.05 -8.73
C LEU A 189 -14.15 -16.62 -9.20
N ALA A 190 -13.89 -15.68 -8.30
CA ALA A 190 -13.93 -14.24 -8.59
C ALA A 190 -12.58 -13.66 -8.16
N ASP A 191 -11.66 -13.52 -9.12
CA ASP A 191 -10.36 -12.94 -8.83
C ASP A 191 -10.49 -11.42 -8.65
N HIS A 192 -9.89 -10.90 -7.57
CA HIS A 192 -10.03 -9.51 -7.18
C HIS A 192 -8.68 -8.80 -7.29
N TYR A 193 -8.68 -7.66 -7.99
CA TYR A 193 -7.53 -6.76 -8.08
C TYR A 193 -8.00 -5.40 -7.59
N GLN A 194 -7.25 -4.79 -6.68
CA GLN A 194 -7.74 -3.67 -5.90
C GLN A 194 -6.66 -2.62 -5.73
N GLN A 195 -7.10 -1.36 -5.60
CA GLN A 195 -6.22 -0.22 -5.42
C GLN A 195 -6.93 0.83 -4.58
N ASN A 196 -6.27 1.31 -3.52
CA ASN A 196 -6.79 2.39 -2.69
C ASN A 196 -5.80 3.56 -2.68
N THR A 197 -6.36 4.79 -2.61
CA THR A 197 -5.57 6.01 -2.67
C THR A 197 -6.26 7.06 -1.82
N PRO A 198 -5.54 7.76 -0.95
CA PRO A 198 -6.24 8.65 -0.01
C PRO A 198 -6.83 9.85 -0.74
N ILE A 199 -8.01 10.28 -0.28
CA ILE A 199 -8.67 11.43 -0.90
C ILE A 199 -7.95 12.73 -0.54
N GLY A 200 -7.49 12.85 0.71
CA GLY A 200 -6.83 14.05 1.17
C GLY A 200 -5.33 13.99 0.99
N ASP A 201 -4.67 15.08 1.38
CA ASP A 201 -3.23 15.20 1.25
C ASP A 201 -2.50 14.99 2.57
N GLY A 202 -3.22 14.83 3.67
CA GLY A 202 -2.61 14.53 4.94
C GLY A 202 -1.80 13.24 4.90
N PRO A 203 -0.96 13.02 5.92
CA PRO A 203 -0.11 11.83 5.92
C PRO A 203 -0.87 10.56 6.24
N VAL A 204 -0.37 9.45 5.71
CA VAL A 204 -1.01 8.15 5.88
C VAL A 204 0.05 7.10 6.22
N LEU A 205 -0.43 5.96 6.71
CA LEU A 205 0.46 4.85 7.04
C LEU A 205 0.63 3.96 5.81
N LEU A 206 1.87 3.85 5.32
CA LEU A 206 2.19 2.92 4.25
C LEU A 206 2.63 1.59 4.86
N PRO A 207 1.98 0.48 4.57
CA PRO A 207 2.18 -0.75 5.35
C PRO A 207 3.24 -1.69 4.79
N ASP A 208 3.79 -2.49 5.71
CA ASP A 208 4.45 -3.73 5.28
C ASP A 208 3.39 -4.68 4.70
N ASN A 209 3.84 -5.59 3.84
CA ASN A 209 2.97 -6.65 3.35
C ASN A 209 2.31 -7.38 4.52
N HIS A 210 1.00 -7.59 4.39
CA HIS A 210 0.19 -8.27 5.40
C HIS A 210 -1.11 -8.72 4.74
N TYR A 211 -1.96 -9.38 5.51
CA TYR A 211 -3.25 -9.85 5.00
C TYR A 211 -4.34 -9.61 6.03
N LEU A 212 -5.57 -9.53 5.54
CA LEU A 212 -6.76 -9.57 6.37
C LEU A 212 -7.43 -10.93 6.22
N SER A 213 -7.76 -11.57 7.32
CA SER A 213 -8.52 -12.81 7.28
C SER A 213 -9.98 -12.40 7.52
N THR A 214 -10.85 -12.77 6.58
CA THR A 214 -12.22 -12.28 6.58
C THR A 214 -13.20 -13.43 6.79
N GLN A 215 -14.32 -13.07 7.40
CA GLN A 215 -15.43 -13.98 7.60
C GLN A 215 -16.71 -13.21 7.37
N SER A 216 -17.66 -13.84 6.68
CA SER A 216 -18.95 -13.24 6.41
C SER A 216 -20.04 -14.24 6.72
N VAL A 217 -21.12 -13.77 7.34
CA VAL A 217 -22.30 -14.60 7.61
C VAL A 217 -23.49 -13.88 7.01
N LEU A 218 -24.12 -14.48 6.00
CA LEU A 218 -25.27 -13.90 5.34
C LEU A 218 -26.54 -14.50 5.91
N SER A 219 -27.55 -13.66 6.12
CA SER A 219 -28.84 -14.11 6.64
C SER A 219 -29.95 -13.24 6.06
N LYS A 220 -31.19 -13.58 6.41
CA LYS A 220 -32.37 -12.88 5.94
C LYS A 220 -33.18 -12.34 7.13
N ASP A 221 -33.81 -11.20 6.90
CA ASP A 221 -34.69 -10.59 7.90
C ASP A 221 -36.10 -11.14 7.72
N PRO A 222 -36.65 -11.86 8.72
CA PRO A 222 -37.98 -12.46 8.51
C PRO A 222 -39.06 -11.44 8.22
N ASN A 223 -39.04 -10.29 8.91
CA ASN A 223 -40.04 -9.26 8.70
C ASN A 223 -39.92 -8.59 7.33
N GLU A 224 -38.74 -8.64 6.71
CA GLU A 224 -38.49 -7.87 5.51
C GLU A 224 -39.07 -8.58 4.29
N LYS A 225 -39.64 -7.80 3.38
CA LYS A 225 -40.26 -8.31 2.17
C LYS A 225 -39.59 -7.82 0.89
N ARG A 226 -38.86 -6.71 0.94
CA ARG A 226 -38.05 -6.29 -0.20
C ARG A 226 -36.91 -7.29 -0.40
N ASP A 227 -36.31 -7.25 -1.60
CA ASP A 227 -35.10 -8.02 -1.84
C ASP A 227 -33.97 -7.40 -1.02
N HIS A 228 -33.28 -8.22 -0.23
CA HIS A 228 -32.35 -7.68 0.74
C HIS A 228 -31.30 -8.73 1.09
N MET A 229 -30.31 -8.29 1.87
CA MET A 229 -29.28 -9.17 2.43
C MET A 229 -28.90 -8.64 3.81
N VAL A 230 -28.87 -9.51 4.80
CA VAL A 230 -28.36 -9.18 6.12
C VAL A 230 -26.97 -9.81 6.26
N LEU A 231 -25.98 -9.00 6.57
CA LEU A 231 -24.60 -9.43 6.62
C LEU A 231 -23.99 -9.13 7.98
N LEU A 232 -23.19 -10.08 8.47
CA LEU A 232 -22.40 -9.92 9.69
C LEU A 232 -20.97 -10.34 9.39
N GLU A 233 -19.98 -9.64 9.97
CA GLU A 233 -18.59 -9.86 9.59
C GLU A 233 -17.65 -9.73 10.78
N PHE A 234 -16.59 -10.57 10.76
CA PHE A 234 -15.39 -10.40 11.59
C PHE A 234 -14.17 -10.29 10.69
N VAL A 235 -13.20 -9.46 11.07
CA VAL A 235 -12.03 -9.19 10.24
C VAL A 235 -10.84 -8.83 11.12
N THR A 236 -9.69 -9.46 10.88
CA THR A 236 -8.46 -9.16 11.60
C THR A 236 -7.28 -9.16 10.63
N ALA A 237 -6.28 -8.34 10.94
CA ALA A 237 -5.05 -8.30 10.16
C ALA A 237 -3.97 -9.14 10.83
N ALA A 238 -3.03 -9.62 10.02
CA ALA A 238 -1.94 -10.46 10.49
C ALA A 238 -0.85 -10.41 9.42
N GLY A 239 0.34 -10.86 9.80
CA GLY A 239 1.45 -10.96 8.87
C GLY A 239 2.06 -12.35 8.75
N ILE A 240 2.80 -12.57 7.66
CA ILE A 240 3.51 -13.83 7.42
C ILE A 240 4.91 -13.50 6.95
N THR A 241 5.91 -14.03 7.66
CA THR A 241 7.30 -13.89 7.28
C THR A 241 7.78 -15.18 6.62
N HIS A 242 8.95 -15.12 5.98
CA HIS A 242 9.38 -16.23 5.14
C HIS A 242 9.48 -17.52 5.94
N GLY A 243 9.88 -17.43 7.21
CA GLY A 243 10.07 -18.61 8.05
C GLY A 243 8.79 -19.32 8.40
N MET A 244 7.64 -18.67 8.25
CA MET A 244 6.34 -19.32 8.45
C MET A 244 5.89 -20.13 7.24
N ASP A 245 6.57 -20.03 6.10
CA ASP A 245 6.08 -20.59 4.85
C ASP A 245 6.97 -21.76 4.45
N GLU A 246 6.47 -22.97 4.68
CA GLU A 246 7.18 -24.19 4.31
C GLU A 246 7.63 -24.16 2.86
N LEU A 247 6.88 -23.47 2.00
CA LEU A 247 7.17 -23.47 0.58
C LEU A 247 8.09 -22.33 0.14
N TYR A 248 8.63 -21.55 1.08
CA TYR A 248 9.47 -20.42 0.72
C TYR A 248 10.63 -20.85 -0.18
N LYS A 249 11.34 -21.90 0.21
CA LYS A 249 12.53 -22.31 -0.53
C LYS A 249 12.24 -22.62 -2.00
N TYR A 250 10.99 -22.97 -2.34
CA TYR A 250 10.68 -23.39 -3.70
C TYR A 250 10.07 -22.30 -4.57
N ARG A 251 9.44 -21.28 -4.00
CA ARG A 251 8.78 -20.26 -4.81
C ARG A 251 9.69 -19.06 -5.05
N ILE A 252 10.94 -19.33 -5.40
CA ILE A 252 11.91 -18.27 -5.69
C ILE A 252 12.27 -18.20 -7.17
N ARG A 253 11.92 -19.21 -7.96
CA ARG A 253 12.37 -19.31 -9.34
C ARG A 253 11.28 -18.82 -10.29
N GLU A 259 6.42 -11.53 -6.06
CA GLU A 259 6.63 -11.37 -4.59
C GLU A 259 5.48 -10.56 -3.98
N ASN A 260 5.79 -9.67 -3.04
CA ASN A 260 4.82 -8.81 -2.35
C ASN A 260 4.01 -9.58 -1.32
N LEU A 261 4.50 -10.72 -0.84
CA LEU A 261 3.72 -11.56 0.04
C LEU A 261 4.20 -11.53 1.48
N TYR A 262 5.50 -11.39 1.72
CA TYR A 262 6.06 -11.55 3.06
C TYR A 262 6.25 -10.19 3.72
N PHE A 263 5.93 -10.14 5.02
CA PHE A 263 6.15 -8.98 5.88
C PHE A 263 7.61 -8.60 5.85
N GLN A 264 7.93 -7.39 5.37
CA GLN A 264 9.34 -7.04 5.15
C GLN A 264 10.07 -6.79 6.47
N GLY A 265 9.41 -6.19 7.44
CA GLY A 265 10.15 -5.74 8.60
C GLY A 265 11.04 -4.54 8.26
N ALA A 266 11.87 -4.18 9.24
CA ALA A 266 12.76 -3.04 9.09
C ALA A 266 14.06 -3.46 8.42
N THR A 267 14.71 -2.49 7.79
CA THR A 267 16.03 -2.68 7.20
C THR A 267 17.08 -2.06 8.12
N SER A 268 18.00 -2.88 8.61
CA SER A 268 19.18 -2.40 9.31
C SER A 268 20.35 -2.32 8.34
N ALA A 269 21.34 -1.49 8.67
CA ALA A 269 22.44 -1.25 7.75
C ALA A 269 23.15 -2.55 7.39
N ILE A 270 23.29 -3.45 8.37
CA ILE A 270 24.00 -4.70 8.12
C ILE A 270 23.29 -5.53 7.06
N ASP A 271 21.99 -5.30 6.86
CA ASP A 271 21.25 -6.06 5.86
C ASP A 271 21.65 -5.69 4.43
N ILE A 272 22.39 -4.60 4.24
CA ILE A 272 22.85 -4.17 2.92
C ILE A 272 24.36 -4.35 2.91
N PRO A 273 24.89 -5.39 2.29
CA PRO A 273 26.35 -5.53 2.21
C PRO A 273 26.91 -4.63 1.13
N PHE A 274 28.17 -4.25 1.30
CA PHE A 274 28.85 -3.45 0.30
C PHE A 274 28.67 -4.11 -1.07
N PRO A 275 28.17 -3.38 -2.07
CA PRO A 275 27.85 -4.02 -3.36
C PRO A 275 29.05 -4.59 -4.11
N GLY A 276 30.26 -4.11 -3.84
CA GLY A 276 31.40 -4.54 -4.63
C GLY A 276 31.59 -3.76 -5.91
N THR A 277 31.13 -2.51 -5.93
CA THR A 277 31.11 -1.70 -7.14
C THR A 277 31.62 -0.31 -6.80
N ALA A 278 32.35 0.30 -7.73
CA ALA A 278 32.81 1.67 -7.53
C ALA A 278 31.62 2.60 -7.32
N THR A 279 30.60 2.49 -8.17
CA THR A 279 29.42 3.34 -8.10
C THR A 279 28.19 2.52 -8.45
N GLY A 280 27.03 3.06 -8.11
CA GLY A 280 25.79 2.44 -8.52
C GLY A 280 24.63 2.90 -7.64
N VAL A 281 23.51 2.22 -7.83
CA VAL A 281 22.29 2.48 -7.08
C VAL A 281 21.78 1.14 -6.56
N ILE A 282 21.23 1.15 -5.34
CA ILE A 282 20.75 -0.06 -4.67
C ILE A 282 19.30 0.21 -4.28
N ASP A 283 18.36 -0.33 -5.04
CA ASP A 283 16.95 0.00 -4.87
C ASP A 283 16.26 -1.06 -4.00
N GLU A 284 16.69 -1.10 -2.74
CA GLU A 284 16.16 -2.10 -1.80
C GLU A 284 14.69 -1.85 -1.49
N GLY A 285 14.26 -0.60 -1.44
CA GLY A 285 12.86 -0.31 -1.25
C GLY A 285 12.01 -0.43 -2.49
N ASN A 286 12.62 -0.79 -3.61
CA ASN A 286 11.92 -1.10 -4.85
C ASN A 286 10.96 0.02 -5.28
N VAL A 287 11.52 1.22 -5.46
CA VAL A 287 10.73 2.34 -5.95
C VAL A 287 11.23 2.90 -7.28
N LEU A 288 12.35 2.40 -7.81
CA LEU A 288 12.97 2.97 -8.98
C LEU A 288 12.85 2.05 -10.18
N SER A 289 12.53 2.63 -11.34
CA SER A 289 12.47 1.85 -12.56
C SER A 289 13.88 1.48 -13.03
N ALA A 290 13.96 0.41 -13.82
CA ALA A 290 15.24 0.02 -14.41
C ALA A 290 15.79 1.13 -15.29
N VAL A 291 14.92 1.84 -16.01
CA VAL A 291 15.38 2.92 -16.88
C VAL A 291 16.02 4.03 -16.06
N THR A 292 15.43 4.33 -14.90
CA THR A 292 16.00 5.35 -14.02
C THR A 292 17.36 4.90 -13.48
N GLN A 293 17.42 3.67 -12.98
CA GLN A 293 18.69 3.16 -12.47
C GLN A 293 19.75 3.18 -13.56
N GLY A 294 19.35 2.89 -14.80
CA GLY A 294 20.30 2.95 -15.89
C GLY A 294 20.81 4.36 -16.12
N SER A 295 19.95 5.35 -15.97
CA SER A 295 20.38 6.74 -16.16
C SER A 295 21.25 7.20 -15.01
N VAL A 296 20.78 7.03 -13.78
CA VAL A 296 21.62 7.31 -12.61
C VAL A 296 22.94 6.57 -12.71
N GLY A 297 22.91 5.31 -13.16
CA GLY A 297 24.15 4.56 -13.30
C GLY A 297 25.17 5.26 -14.18
N ARG A 298 24.74 5.69 -15.37
CA ARG A 298 25.67 6.34 -16.28
C ARG A 298 26.19 7.65 -15.70
N SER A 299 25.33 8.39 -15.00
CA SER A 299 25.75 9.66 -14.42
C SER A 299 26.82 9.46 -13.37
N LEU A 300 26.54 8.60 -12.37
CA LEU A 300 27.50 8.37 -11.30
C LEU A 300 28.82 7.87 -11.87
N GLN A 301 28.75 7.04 -12.91
CA GLN A 301 29.96 6.60 -13.57
C GLN A 301 30.69 7.77 -14.23
N ASP A 302 29.94 8.69 -14.83
CA ASP A 302 30.55 9.91 -15.36
C ASP A 302 31.28 10.67 -14.27
N LEU A 303 30.62 10.88 -13.13
CA LEU A 303 31.24 11.61 -12.02
C LEU A 303 32.53 10.94 -11.59
N SER A 304 32.52 9.61 -11.46
CA SER A 304 33.70 8.87 -11.05
C SER A 304 34.85 9.09 -12.02
N GLU A 305 34.65 8.71 -13.29
CA GLU A 305 35.73 8.78 -14.26
C GLU A 305 36.31 10.18 -14.36
N ALA A 306 35.49 11.22 -14.17
CA ALA A 306 35.96 12.60 -14.29
C ALA A 306 36.58 13.10 -12.98
N THR A 307 35.78 13.13 -11.92
CA THR A 307 36.22 13.68 -10.64
C THR A 307 36.87 12.63 -9.75
N GLY A 308 36.64 11.35 -10.01
CA GLY A 308 37.15 10.33 -9.13
C GLY A 308 36.38 10.17 -7.85
N ILE A 309 35.27 10.89 -7.69
CA ILE A 309 34.36 10.68 -6.56
C ILE A 309 33.38 9.59 -6.95
N ASN A 310 33.19 8.63 -6.05
CA ASN A 310 32.32 7.49 -6.26
C ASN A 310 31.10 7.65 -5.36
N VAL A 311 29.92 7.61 -5.95
CA VAL A 311 28.67 7.75 -5.23
C VAL A 311 27.87 6.47 -5.34
N HIS A 312 27.23 6.09 -4.25
CA HIS A 312 26.19 5.06 -4.23
C HIS A 312 24.91 5.69 -3.71
N VAL A 313 23.79 5.34 -4.33
CA VAL A 313 22.47 5.76 -3.88
C VAL A 313 21.74 4.50 -3.43
N VAL A 314 21.23 4.53 -2.19
CA VAL A 314 20.59 3.37 -1.57
C VAL A 314 19.17 3.76 -1.17
N THR A 315 18.19 3.01 -1.68
CA THR A 315 16.84 3.06 -1.16
C THR A 315 16.61 1.83 -0.29
N LEU A 316 15.58 1.91 0.52
CA LEU A 316 15.26 0.83 1.45
C LEU A 316 13.82 1.02 1.87
N HIS A 317 13.22 -0.08 2.33
CA HIS A 317 11.79 -0.10 2.64
C HIS A 317 11.48 0.81 3.84
N ARG A 318 12.06 0.50 5.00
CA ARG A 318 11.91 1.38 6.16
C ARG A 318 12.99 1.04 7.19
N LEU A 319 13.17 1.94 8.13
CA LEU A 319 14.27 1.82 9.09
C LEU A 319 13.81 1.16 10.38
N ASP A 320 14.76 0.57 11.08
CA ASP A 320 14.49 0.04 12.39
C ASP A 320 13.97 1.13 13.30
N TYR A 321 13.15 0.73 14.27
CA TYR A 321 12.65 1.66 15.26
C TYR A 321 13.82 2.12 16.14
N GLY A 322 13.93 3.41 16.35
CA GLY A 322 15.02 3.99 17.09
C GLY A 322 16.14 4.56 16.23
N GLU A 323 16.28 4.05 15.01
CA GLU A 323 17.33 4.46 14.09
C GLU A 323 16.81 5.51 13.12
N THR A 324 17.59 6.56 12.90
CA THR A 324 17.20 7.65 12.02
C THR A 324 17.87 7.52 10.65
N PRO A 325 17.42 8.29 9.66
CA PRO A 325 18.14 8.32 8.38
C PRO A 325 19.62 8.64 8.51
N GLN A 326 19.98 9.66 9.27
CA GLN A 326 21.40 9.96 9.44
C GLN A 326 22.13 8.80 10.11
N SER A 327 21.50 8.18 11.11
CA SER A 327 22.18 7.11 11.86
C SER A 327 22.36 5.86 10.99
N PHE A 328 21.38 5.57 10.14
CA PHE A 328 21.53 4.46 9.20
C PHE A 328 22.65 4.74 8.20
N VAL A 329 22.66 5.93 7.60
CA VAL A 329 23.66 6.20 6.56
C VAL A 329 25.04 6.27 7.18
N ASP A 330 25.16 6.77 8.42
CA ASP A 330 26.46 6.77 9.08
C ASP A 330 26.96 5.35 9.32
N ASP A 331 26.09 4.47 9.80
CA ASP A 331 26.49 3.09 10.04
C ASP A 331 26.89 2.42 8.74
N LEU A 332 26.02 2.51 7.72
CA LEU A 332 26.29 1.88 6.44
C LEU A 332 27.66 2.27 5.89
N PHE A 333 27.99 3.55 5.95
CA PHE A 333 29.26 4.02 5.41
C PHE A 333 30.43 3.40 6.15
N SER A 334 30.38 3.36 7.49
CA SER A 334 31.41 2.66 8.26
C SER A 334 31.52 1.21 7.81
N GLN A 335 30.39 0.53 7.66
CA GLN A 335 30.42 -0.89 7.32
C GLN A 335 31.01 -1.11 5.94
N TRP A 336 30.61 -0.30 4.96
CA TRP A 336 31.12 -0.47 3.60
C TRP A 336 32.59 -0.12 3.49
N PHE A 337 33.01 0.96 4.15
CA PHE A 337 34.32 1.56 3.96
C PHE A 337 35.04 1.62 5.31
N PRO A 338 35.45 0.46 5.83
CA PRO A 338 36.14 0.43 7.12
C PRO A 338 37.37 1.32 7.13
N ASP A 339 38.29 1.03 6.22
CA ASP A 339 39.56 1.74 6.18
C ASP A 339 39.32 3.22 5.86
N PRO A 340 39.87 4.16 6.65
CA PRO A 340 39.78 5.58 6.28
C PRO A 340 40.31 5.87 4.87
N GLU A 341 41.18 4.98 4.37
CA GLU A 341 41.65 5.13 2.99
C GLU A 341 40.53 4.87 2.00
N SER A 342 39.72 3.83 2.25
CA SER A 342 38.55 3.57 1.42
C SER A 342 37.51 4.70 1.50
N GLN A 343 37.70 5.64 2.41
CA GLN A 343 36.79 6.75 2.62
C GLN A 343 37.14 7.91 1.68
N ALA A 344 36.32 8.97 1.71
CA ALA A 344 36.63 10.20 1.00
C ALA A 344 36.55 10.02 -0.52
N ASN A 345 37.18 8.99 -1.02
CA ASN A 345 36.92 8.51 -2.38
C ASN A 345 35.48 7.96 -2.55
N GLN A 346 34.56 8.16 -1.61
CA GLN A 346 33.26 7.51 -1.65
C GLN A 346 32.19 8.38 -1.01
N VAL A 347 30.96 8.26 -1.54
CA VAL A 347 29.77 8.93 -1.03
C VAL A 347 28.66 7.90 -0.93
N ILE A 348 27.63 8.23 -0.13
CA ILE A 348 26.44 7.40 0.01
C ILE A 348 25.24 8.29 0.39
N ILE A 349 24.16 8.16 -0.37
CA ILE A 349 22.90 8.83 -0.09
C ILE A 349 21.85 7.75 0.20
N ALA A 350 21.06 7.95 1.25
CA ALA A 350 20.07 6.98 1.66
C ALA A 350 18.68 7.60 1.71
N LEU A 351 17.68 6.77 1.47
CA LEU A 351 16.29 7.21 1.38
C LEU A 351 15.38 6.15 1.95
N ASP A 352 14.63 6.51 3.00
CA ASP A 352 13.59 5.65 3.53
C ASP A 352 12.32 5.86 2.71
N THR A 353 11.85 4.81 2.02
CA THR A 353 10.75 5.01 1.08
C THR A 353 9.39 5.04 1.75
N VAL A 354 9.29 4.57 3.00
CA VAL A 354 8.01 4.64 3.70
C VAL A 354 7.81 6.04 4.29
N THR A 355 8.86 6.63 4.88
CA THR A 355 8.78 7.92 5.51
C THR A 355 9.31 9.07 4.67
N ASN A 356 10.02 8.78 3.57
CA ASN A 356 10.64 9.81 2.73
C ASN A 356 11.76 10.57 3.46
N GLY A 357 12.27 10.00 4.54
CA GLY A 357 13.40 10.62 5.21
C GLY A 357 14.69 10.31 4.48
N THR A 358 15.59 11.28 4.45
CA THR A 358 16.80 11.20 3.64
C THR A 358 18.00 11.67 4.45
N ALA A 359 19.18 11.29 3.99
CA ALA A 359 20.43 11.67 4.66
C ALA A 359 21.59 11.31 3.74
N ILE A 360 22.72 11.98 3.97
CA ILE A 360 23.93 11.75 3.19
C ILE A 360 25.12 11.65 4.14
N HIS A 361 26.22 11.10 3.62
CA HIS A 361 27.48 10.99 4.32
C HIS A 361 28.60 10.94 3.27
N TYR A 362 29.72 11.61 3.54
CA TYR A 362 30.80 11.69 2.58
C TYR A 362 32.11 11.91 3.32
N GLY A 363 33.21 11.45 2.72
CA GLY A 363 34.53 11.67 3.28
C GLY A 363 35.09 13.03 2.94
N ASP A 364 36.14 13.41 3.68
CA ASP A 364 36.59 14.81 3.67
C ASP A 364 36.99 15.29 2.27
N ALA A 365 37.60 14.42 1.48
CA ALA A 365 37.91 14.78 0.10
C ALA A 365 36.68 15.37 -0.61
N VAL A 366 35.51 14.78 -0.39
CA VAL A 366 34.28 15.34 -0.95
C VAL A 366 33.98 16.70 -0.34
N ALA A 367 34.08 16.81 0.99
CA ALA A 367 33.86 18.10 1.64
C ALA A 367 34.89 19.15 1.21
N GLU A 368 36.02 18.71 0.62
CA GLU A 368 36.92 19.64 -0.08
C GLU A 368 36.26 20.24 -1.33
N ARG A 369 34.97 19.95 -1.53
CA ARG A 369 34.21 20.44 -2.67
C ARG A 369 32.73 20.60 -2.34
N LEU A 370 32.31 20.11 -1.16
CA LEU A 370 30.90 20.08 -0.78
C LEU A 370 30.72 20.64 0.62
N ASN A 371 29.98 21.74 0.70
CA ASN A 371 29.70 22.47 1.94
C ASN A 371 28.50 21.86 2.67
N PRO A 372 28.53 21.81 4.01
CA PRO A 372 27.38 21.27 4.76
C PRO A 372 26.02 21.84 4.38
N GLU A 373 25.83 23.16 4.53
CA GLU A 373 24.52 23.74 4.24
C GLU A 373 24.02 23.32 2.85
N THR A 374 24.92 23.17 1.89
CA THR A 374 24.55 22.68 0.57
C THR A 374 24.15 21.22 0.61
N ALA A 375 25.03 20.36 1.14
CA ALA A 375 24.74 18.94 1.22
C ALA A 375 23.38 18.69 1.85
N GLU A 376 23.05 19.40 2.93
CA GLU A 376 21.69 19.30 3.46
C GLU A 376 20.68 19.72 2.40
N SER A 377 20.87 20.90 1.81
CA SER A 377 19.89 21.39 0.86
C SER A 377 19.61 20.35 -0.22
N ILE A 378 20.61 19.53 -0.55
CA ILE A 378 20.46 18.59 -1.65
C ILE A 378 19.62 17.39 -1.25
N VAL A 379 19.68 16.93 0.00
CA VAL A 379 18.92 15.75 0.40
C VAL A 379 17.60 16.16 1.05
N GLN A 380 17.57 17.32 1.71
CA GLN A 380 16.37 17.71 2.44
C GLN A 380 15.41 18.54 1.60
N GLU A 381 15.85 19.06 0.46
CA GLU A 381 14.99 19.92 -0.36
C GLU A 381 14.88 19.40 -1.78
N THR A 382 16.01 19.31 -2.48
CA THR A 382 15.99 18.83 -3.86
C THR A 382 15.46 17.41 -3.94
N MET A 383 15.83 16.57 -2.97
CA MET A 383 15.45 15.16 -3.05
C MET A 383 14.04 14.95 -2.51
N ARG A 384 13.66 15.68 -1.46
CA ARG A 384 12.39 15.40 -0.81
C ARG A 384 11.22 16.08 -1.49
N VAL A 385 11.44 17.20 -2.17
CA VAL A 385 10.32 17.91 -2.79
C VAL A 385 9.59 17.03 -3.79
N PRO A 386 10.25 16.24 -4.64
CA PRO A 386 9.49 15.35 -5.54
C PRO A 386 8.84 14.16 -4.83
N LEU A 387 9.37 13.74 -3.69
CA LEU A 387 8.69 12.71 -2.92
C LEU A 387 7.34 13.18 -2.41
N ARG A 388 7.08 14.49 -2.40
CA ARG A 388 5.78 14.98 -1.95
C ARG A 388 4.64 14.40 -2.78
N GLU A 389 4.91 14.07 -4.04
CA GLU A 389 3.91 13.47 -4.92
C GLU A 389 4.21 12.01 -5.21
N GLY A 390 5.15 11.41 -4.48
CA GLY A 390 5.49 10.01 -4.70
C GLY A 390 6.33 9.74 -5.92
N ASN A 391 7.07 10.74 -6.42
CA ASN A 391 7.89 10.56 -7.61
C ASN A 391 9.33 10.28 -7.16
N TYR A 392 9.57 9.01 -6.87
CA TYR A 392 10.88 8.56 -6.40
C TYR A 392 11.91 8.63 -7.53
N ASN A 393 11.50 8.33 -8.76
CA ASN A 393 12.43 8.42 -9.88
C ASN A 393 12.96 9.83 -10.05
N GLN A 394 12.06 10.82 -10.07
CA GLN A 394 12.49 12.20 -10.26
C GLN A 394 13.30 12.68 -9.08
N ALA A 395 12.91 12.29 -7.86
CA ALA A 395 13.67 12.69 -6.68
C ALA A 395 15.14 12.30 -6.78
N VAL A 396 15.41 11.09 -7.26
CA VAL A 396 16.79 10.63 -7.34
C VAL A 396 17.52 11.32 -8.49
N LEU A 397 16.88 11.39 -9.65
CA LEU A 397 17.52 12.02 -10.79
C LEU A 397 17.87 13.49 -10.51
N ASP A 398 16.91 14.24 -9.95
CA ASP A 398 17.19 15.64 -9.60
C ASP A 398 18.38 15.74 -8.65
N THR A 399 18.36 14.93 -7.57
CA THR A 399 19.46 14.97 -6.61
C THR A 399 20.78 14.65 -7.28
N VAL A 400 20.80 13.59 -8.10
CA VAL A 400 21.99 13.25 -8.87
C VAL A 400 22.41 14.42 -9.76
N ASP A 401 21.44 15.09 -10.38
CA ASP A 401 21.77 16.19 -11.27
C ASP A 401 22.42 17.33 -10.50
N ARG A 402 21.83 17.72 -9.37
CA ARG A 402 22.34 18.88 -8.65
C ARG A 402 23.69 18.59 -8.01
N LEU A 403 23.79 17.44 -7.33
CA LEU A 403 25.04 17.11 -6.66
C LEU A 403 26.19 16.95 -7.65
N GLY A 404 25.93 16.29 -8.79
CA GLY A 404 27.01 16.02 -9.72
C GLY A 404 27.67 17.28 -10.23
N LYS A 405 26.89 18.34 -10.42
CA LYS A 405 27.47 19.61 -10.87
C LYS A 405 28.32 20.24 -9.77
N VAL A 406 27.88 20.10 -8.51
CA VAL A 406 28.71 20.57 -7.40
C VAL A 406 30.05 19.85 -7.40
N LEU A 407 30.03 18.51 -7.42
CA LEU A 407 31.27 17.74 -7.33
C LEU A 407 32.11 17.83 -8.60
N LYS A 408 31.52 18.12 -9.76
CA LYS A 408 32.32 18.50 -10.92
C LYS A 408 32.91 19.91 -10.76
N GLY A 409 32.47 20.66 -9.75
CA GLY A 409 33.01 21.98 -9.51
C GLY A 409 32.36 23.03 -10.39
N GLU A 410 31.03 23.09 -10.39
CA GLU A 410 30.30 24.02 -11.24
C GLU A 410 29.38 24.89 -10.41
N PRO A 411 28.83 25.97 -10.97
CA PRO A 411 27.82 26.75 -10.25
C PRO A 411 26.73 25.90 -9.67
N ASP A 412 26.61 25.89 -8.34
CA ASP A 412 25.53 25.16 -7.72
C ASP A 412 24.19 25.72 -8.22
N PRO A 413 23.30 24.90 -8.75
CA PRO A 413 21.93 25.36 -9.03
C PRO A 413 21.18 25.42 -7.71
N GLY A 414 19.94 25.89 -7.80
CA GLY A 414 19.14 26.11 -6.61
C GLY A 414 18.39 24.90 -6.14
N PRO A 415 17.85 24.98 -4.92
CA PRO A 415 16.79 24.06 -4.51
C PRO A 415 15.49 24.45 -5.18
N PRO A 416 14.45 23.61 -5.05
CA PRO A 416 13.12 23.93 -5.61
C PRO A 416 12.61 25.30 -5.17
#